data_7HSM
#
_entry.id   7HSM
#
_cell.length_a   99.025
_cell.length_b   99.081
_cell.length_c   127.536
_cell.angle_alpha   90.00
_cell.angle_beta   90.00
_cell.angle_gamma   90.00
#
_symmetry.space_group_name_H-M   'I 2 2 2'
#
loop_
_entity.id
_entity.type
_entity.pdbx_description
1 polymer 'Oleoyl-acyl carrier protein thioesterase 1, chloroplastic'
2 non-polymer 2-(difluoromethoxy)-1-[(3aR,6aS)-hexahydrocyclopenta[c]pyrrol-2(1H)-yl]ethan-1-one
3 water water
#
_entity_poly.entity_id   1
_entity_poly.type   'polypeptide(L)'
_entity_poly.pdbx_seq_one_letter_code
;MGSLTEDGLSYKEKFVVRSYEVGSNKTATVETIANLLQEVGCNHAQSVGFSTDGFATTTTMRKLHLIWVTARMHIEIYKY
PAWGDVVEIETWCQSEGRIGTRRDWILKDSVTGEVTGRATSKWVMMNQDTRRLQKVSDDVRDEYLVFCPQEPRLAFPEEN
NRSLKKIPKLEDPAQYSMIGLKPRRADLDMNQHVNNVTYIGWVLESIPQEIVDTHELQVITLDYRRECQQDDVVDSLTTT
TSEIGGTNGSATSGTQGHNDSQFLHLLRLSGDGQEINRGTTLWRKKPSSHHHHHH
;
_entity_poly.pdbx_strand_id   A,B
#
loop_
_chem_comp.id
_chem_comp.type
_chem_comp.name
_chem_comp.formula
LQP non-polymer 2-(difluoromethoxy)-1-[(3aR,6aS)-hexahydrocyclopenta[c]pyrrol-2(1H)-yl]ethan-1-one 'C10 H15 F2 N O2'
#
# COMPACT_ATOMS: atom_id res chain seq x y z
N GLY A 2 10.37 -8.93 13.85
CA GLY A 2 11.02 -8.56 15.10
C GLY A 2 11.08 -9.74 16.06
N SER A 3 10.74 -9.51 17.33
CA SER A 3 10.75 -10.60 18.31
C SER A 3 9.95 -10.27 19.58
N LEU A 4 9.54 -11.30 20.32
CA LEU A 4 8.87 -11.12 21.59
C LEU A 4 9.90 -10.57 22.58
N THR A 5 9.44 -9.75 23.54
CA THR A 5 10.33 -9.23 24.56
C THR A 5 10.76 -10.35 25.54
N GLU A 6 11.71 -10.07 26.44
CA GLU A 6 12.22 -11.04 27.39
C GLU A 6 11.13 -11.82 28.16
N ASP A 7 10.01 -11.16 28.51
CA ASP A 7 8.95 -11.82 29.24
C ASP A 7 7.91 -12.55 28.36
N GLY A 8 8.01 -12.42 27.04
CA GLY A 8 7.08 -13.03 26.11
C GLY A 8 5.69 -12.43 26.14
N LEU A 9 5.52 -11.28 26.83
CA LEU A 9 4.21 -10.65 26.96
C LEU A 9 3.97 -9.47 26.03
N SER A 10 4.92 -9.18 25.13
CA SER A 10 4.79 -8.13 24.13
C SER A 10 5.75 -8.42 22.95
N TYR A 11 5.59 -7.71 21.83
CA TYR A 11 6.40 -7.95 20.63
C TYR A 11 6.94 -6.62 20.10
N LYS A 12 8.18 -6.61 19.59
CA LYS A 12 8.77 -5.40 19.05
C LYS A 12 9.25 -5.64 17.63
N GLU A 13 9.11 -4.63 16.78
CA GLU A 13 9.58 -4.70 15.41
C GLU A 13 10.03 -3.33 14.91
N LYS A 14 11.15 -3.30 14.18
CA LYS A 14 11.66 -2.08 13.62
C LYS A 14 11.33 -2.06 12.14
N PHE A 15 10.78 -0.95 11.65
CA PHE A 15 10.42 -0.78 10.25
C PHE A 15 11.17 0.41 9.67
N VAL A 16 11.71 0.28 8.45
CA VAL A 16 12.34 1.40 7.78
C VAL A 16 11.27 2.03 6.90
N VAL A 17 10.98 3.33 7.05
CA VAL A 17 9.95 4.00 6.25
C VAL A 17 10.37 4.10 4.74
N ARG A 18 9.48 3.66 3.81
CA ARG A 18 9.71 3.62 2.37
C ARG A 18 9.28 4.87 1.60
N SER A 19 9.82 5.07 0.38
CA SER A 19 9.53 6.22 -0.47
C SER A 19 8.07 6.36 -0.82
N TYR A 20 7.39 5.25 -1.21
CA TYR A 20 5.97 5.32 -1.53
C TYR A 20 5.05 5.37 -0.29
N GLU A 21 5.63 5.24 0.90
CA GLU A 21 4.87 5.24 2.15
C GLU A 21 4.69 6.64 2.74
N VAL A 22 5.30 7.68 2.13
CA VAL A 22 5.23 9.04 2.65
C VAL A 22 4.35 9.96 1.81
N GLY A 23 3.82 11.00 2.45
CA GLY A 23 3.00 12.02 1.82
C GLY A 23 3.78 13.24 1.40
N SER A 24 3.11 14.39 1.22
N SER A 24 3.10 14.38 1.22
N SER A 24 3.11 14.39 1.22
CA SER A 24 3.72 15.65 0.79
CA SER A 24 3.70 15.65 0.80
CA SER A 24 3.72 15.65 0.79
C SER A 24 4.81 16.16 1.71
C SER A 24 4.81 16.17 1.72
C SER A 24 4.81 16.16 1.71
N ASN A 25 4.66 15.99 3.03
CA ASN A 25 5.67 16.43 4.00
C ASN A 25 6.89 15.46 4.10
N LYS A 26 6.94 14.41 3.23
CA LYS A 26 7.99 13.42 3.21
C LYS A 26 8.11 12.63 4.53
N THR A 27 6.96 12.48 5.24
CA THR A 27 6.83 11.68 6.46
C THR A 27 5.68 10.68 6.25
N ALA A 28 5.72 9.54 6.94
CA ALA A 28 4.76 8.46 6.80
C ALA A 28 3.32 8.90 6.93
N THR A 29 2.43 8.40 6.08
CA THR A 29 1.02 8.77 6.18
C THR A 29 0.38 8.03 7.36
N VAL A 30 -0.82 8.45 7.79
CA VAL A 30 -1.51 7.74 8.86
C VAL A 30 -1.94 6.33 8.40
N GLU A 31 -2.12 6.12 7.09
CA GLU A 31 -2.46 4.80 6.57
C GLU A 31 -1.22 3.91 6.57
N THR A 32 -0.01 4.48 6.35
CA THR A 32 1.21 3.69 6.42
C THR A 32 1.41 3.26 7.88
N ILE A 33 1.26 4.20 8.84
CA ILE A 33 1.33 3.87 10.27
C ILE A 33 0.32 2.77 10.61
N ALA A 34 -0.94 2.94 10.17
CA ALA A 34 -2.00 1.95 10.40
C ALA A 34 -1.66 0.57 9.83
N ASN A 35 -0.96 0.51 8.68
CA ASN A 35 -0.51 -0.70 8.00
C ASN A 35 0.60 -1.37 8.82
N LEU A 36 1.54 -0.56 9.36
CA LEU A 36 2.64 -1.02 10.19
C LEU A 36 2.13 -1.57 11.53
N LEU A 37 1.06 -0.98 12.10
CA LEU A 37 0.47 -1.48 13.35
C LEU A 37 -0.13 -2.85 13.09
N GLN A 38 -0.86 -3.03 11.97
CA GLN A 38 -1.48 -4.33 11.71
C GLN A 38 -0.43 -5.40 11.35
N GLU A 39 0.73 -5.00 10.80
CA GLU A 39 1.80 -5.92 10.46
C GLU A 39 2.50 -6.42 11.72
N VAL A 40 2.81 -5.51 12.67
CA VAL A 40 3.45 -5.90 13.94
C VAL A 40 2.49 -6.74 14.81
N GLY A 41 1.18 -6.51 14.67
CA GLY A 41 0.17 -7.31 15.35
C GLY A 41 0.07 -8.74 14.80
N CYS A 42 0.29 -8.90 13.48
N CYS A 42 0.29 -8.90 13.48
N CYS A 42 0.29 -8.90 13.48
CA CYS A 42 0.25 -10.20 12.83
CA CYS A 42 0.24 -10.21 12.84
CA CYS A 42 0.25 -10.20 12.83
C CYS A 42 1.47 -11.04 13.18
C CYS A 42 1.47 -11.05 13.18
C CYS A 42 1.47 -11.04 13.18
N ASN A 43 2.64 -10.40 13.27
CA ASN A 43 3.88 -11.09 13.62
C ASN A 43 3.87 -11.49 15.10
N HIS A 44 3.23 -10.68 15.98
CA HIS A 44 3.08 -11.04 17.39
C HIS A 44 2.20 -12.31 17.49
N ALA A 45 1.07 -12.36 16.75
CA ALA A 45 0.22 -13.55 16.74
C ALA A 45 0.96 -14.79 16.21
N GLN A 46 1.70 -14.66 15.10
CA GLN A 46 2.46 -15.78 14.53
C GLN A 46 3.56 -16.27 15.49
N SER A 47 4.24 -15.36 16.18
N SER A 47 4.25 -15.36 16.19
N SER A 47 4.24 -15.36 16.18
CA SER A 47 5.32 -15.70 17.11
CA SER A 47 5.32 -15.73 17.09
CA SER A 47 5.32 -15.70 17.11
C SER A 47 4.87 -16.54 18.30
C SER A 47 4.87 -16.55 18.31
C SER A 47 4.87 -16.54 18.30
N VAL A 48 3.56 -16.56 18.60
CA VAL A 48 3.05 -17.35 19.72
C VAL A 48 2.02 -18.41 19.27
N GLY A 49 2.06 -18.79 17.99
CA GLY A 49 1.22 -19.82 17.41
C GLY A 49 -0.19 -19.44 17.00
N PHE A 50 -0.37 -18.35 16.23
CA PHE A 50 -1.71 -17.94 15.79
C PHE A 50 -1.78 -17.63 14.28
N SER A 51 -1.46 -18.61 13.44
CA SER A 51 -1.53 -18.44 12.00
C SER A 51 -2.48 -19.47 11.38
N ALA A 56 -5.70 -15.76 12.90
CA ALA A 56 -5.41 -15.34 14.29
C ALA A 56 -6.51 -15.85 15.26
N THR A 57 -6.63 -17.16 15.38
CA THR A 57 -7.65 -17.78 16.22
C THR A 57 -7.07 -18.91 17.11
N THR A 58 -7.81 -19.31 18.16
CA THR A 58 -7.43 -20.42 19.05
C THR A 58 -8.10 -21.72 18.52
N THR A 59 -7.92 -22.88 19.20
CA THR A 59 -8.54 -24.14 18.76
C THR A 59 -10.06 -24.06 18.90
N THR A 60 -10.54 -23.43 19.99
CA THR A 60 -11.97 -23.26 20.23
C THR A 60 -12.59 -22.34 19.16
N MET A 61 -11.90 -21.23 18.83
N MET A 61 -11.90 -21.23 18.83
N MET A 61 -11.90 -21.23 18.83
CA MET A 61 -12.37 -20.27 17.84
CA MET A 61 -12.38 -20.28 17.84
CA MET A 61 -12.37 -20.27 17.84
C MET A 61 -12.49 -20.89 16.44
C MET A 61 -12.49 -20.90 16.45
C MET A 61 -12.49 -20.89 16.44
N ARG A 62 -11.53 -21.75 16.07
CA ARG A 62 -11.56 -22.41 14.76
C ARG A 62 -12.72 -23.40 14.67
N LYS A 63 -12.94 -24.14 15.75
CA LYS A 63 -14.00 -25.14 15.88
C LYS A 63 -15.40 -24.49 15.87
N LEU A 64 -15.52 -23.25 16.39
CA LEU A 64 -16.82 -22.58 16.43
C LEU A 64 -17.02 -21.53 15.34
N HIS A 65 -16.10 -21.44 14.35
CA HIS A 65 -16.18 -20.48 13.24
C HIS A 65 -16.19 -19.03 13.75
N LEU A 66 -15.36 -18.76 14.75
CA LEU A 66 -15.25 -17.48 15.42
C LEU A 66 -13.98 -16.73 15.04
N ILE A 67 -14.07 -15.39 14.98
CA ILE A 67 -12.93 -14.52 14.65
C ILE A 67 -12.97 -13.24 15.48
N TRP A 68 -11.80 -12.58 15.61
CA TRP A 68 -11.71 -11.29 16.29
C TRP A 68 -11.93 -10.24 15.23
N VAL A 69 -12.85 -9.32 15.46
CA VAL A 69 -13.12 -8.24 14.52
C VAL A 69 -12.86 -6.89 15.18
N THR A 70 -12.41 -5.88 14.42
CA THR A 70 -12.17 -4.56 15.01
C THR A 70 -13.51 -3.85 15.24
N ALA A 71 -13.65 -3.26 16.42
CA ALA A 71 -14.84 -2.51 16.78
C ALA A 71 -14.49 -1.00 16.86
N ARG A 72 -13.27 -0.67 17.33
CA ARG A 72 -12.83 0.71 17.45
C ARG A 72 -11.32 0.78 17.38
N MET A 73 -10.82 1.83 16.76
CA MET A 73 -9.39 2.06 16.61
C MET A 73 -9.12 3.51 17.01
N HIS A 74 -8.11 3.76 17.82
CA HIS A 74 -7.75 5.09 18.23
C HIS A 74 -6.24 5.26 18.04
N ILE A 75 -5.81 6.28 17.30
CA ILE A 75 -4.39 6.51 17.02
C ILE A 75 -4.03 7.97 17.33
N GLU A 76 -2.96 8.18 18.11
CA GLU A 76 -2.48 9.51 18.43
C GLU A 76 -1.03 9.59 18.01
N ILE A 77 -0.66 10.49 17.07
CA ILE A 77 0.70 10.66 16.54
C ILE A 77 1.31 12.02 16.86
N TYR A 78 2.46 12.05 17.56
CA TYR A 78 3.16 13.30 17.90
C TYR A 78 4.21 13.66 16.83
N LYS A 79 4.80 12.65 16.19
CA LYS A 79 5.80 12.88 15.15
C LYS A 79 5.72 11.76 14.12
N TYR A 80 5.59 12.10 12.83
CA TYR A 80 5.52 11.09 11.78
C TYR A 80 6.92 10.78 11.31
N PRO A 81 7.31 9.50 11.27
CA PRO A 81 8.68 9.17 10.84
C PRO A 81 8.95 9.54 9.38
N ALA A 82 10.10 10.18 9.14
CA ALA A 82 10.50 10.59 7.80
C ALA A 82 10.92 9.40 6.94
N TRP A 83 10.93 9.60 5.62
CA TRP A 83 11.36 8.61 4.64
C TRP A 83 12.84 8.26 4.92
N GLY A 84 13.10 6.99 5.21
CA GLY A 84 14.45 6.52 5.54
C GLY A 84 14.66 6.27 7.03
N ASP A 85 13.79 6.84 7.89
CA ASP A 85 13.88 6.67 9.34
C ASP A 85 13.39 5.30 9.79
N VAL A 86 13.98 4.79 10.86
CA VAL A 86 13.56 3.52 11.43
C VAL A 86 12.60 3.81 12.58
N VAL A 87 11.42 3.17 12.58
CA VAL A 87 10.45 3.35 13.65
C VAL A 87 10.29 2.01 14.39
N GLU A 88 10.29 2.05 15.73
CA GLU A 88 10.14 0.82 16.50
C GLU A 88 8.78 0.75 17.16
N ILE A 89 7.99 -0.25 16.79
CA ILE A 89 6.65 -0.42 17.35
C ILE A 89 6.62 -1.61 18.32
N GLU A 90 6.11 -1.39 19.53
CA GLU A 90 5.90 -2.43 20.53
C GLU A 90 4.40 -2.66 20.71
N THR A 91 3.97 -3.93 20.66
CA THR A 91 2.55 -4.26 20.76
C THR A 91 2.26 -5.38 21.74
N TRP A 92 1.09 -5.33 22.36
CA TRP A 92 0.66 -6.37 23.31
C TRP A 92 -0.88 -6.47 23.31
N CYS A 93 -1.42 -7.51 23.93
CA CYS A 93 -2.87 -7.67 24.03
C CYS A 93 -3.30 -7.72 25.48
N GLN A 94 -4.58 -7.49 25.74
CA GLN A 94 -5.12 -7.56 27.08
C GLN A 94 -6.60 -7.87 27.09
N SER A 95 -7.02 -8.63 28.10
CA SER A 95 -8.39 -9.01 28.27
C SER A 95 -9.22 -7.86 28.77
N GLU A 96 -10.46 -7.83 28.33
CA GLU A 96 -11.49 -6.92 28.81
C GLU A 96 -12.67 -7.81 29.22
N GLY A 97 -12.37 -8.88 29.95
CA GLY A 97 -13.32 -9.88 30.40
C GLY A 97 -14.05 -10.52 29.25
N ARG A 98 -15.37 -10.50 29.30
CA ARG A 98 -16.18 -11.06 28.23
C ARG A 98 -16.57 -10.02 27.17
N ILE A 99 -16.13 -8.75 27.31
CA ILE A 99 -16.46 -7.75 26.30
C ILE A 99 -15.65 -8.02 25.02
N GLY A 100 -14.39 -8.35 25.18
CA GLY A 100 -13.51 -8.61 24.05
C GLY A 100 -12.05 -8.46 24.42
N THR A 101 -11.21 -8.18 23.43
CA THR A 101 -9.79 -7.98 23.64
C THR A 101 -9.35 -6.61 23.21
N ARG A 102 -8.27 -6.11 23.79
CA ARG A 102 -7.70 -4.83 23.43
C ARG A 102 -6.27 -5.07 22.91
N ARG A 103 -5.88 -4.44 21.80
CA ARG A 103 -4.50 -4.52 21.33
C ARG A 103 -3.95 -3.09 21.38
N ASP A 104 -2.80 -2.91 22.06
CA ASP A 104 -2.20 -1.59 22.20
C ASP A 104 -0.84 -1.51 21.50
N TRP A 105 -0.45 -0.30 21.08
CA TRP A 105 0.81 -0.10 20.38
C TRP A 105 1.52 1.15 20.87
N ILE A 106 2.86 1.15 20.85
CA ILE A 106 3.70 2.28 21.22
C ILE A 106 4.72 2.44 20.09
N LEU A 107 4.76 3.61 19.46
CA LEU A 107 5.72 3.87 18.39
C LEU A 107 6.86 4.69 18.96
N LYS A 108 8.09 4.30 18.65
CA LYS A 108 9.27 4.99 19.17
C LYS A 108 10.28 5.35 18.07
N ASP A 109 11.01 6.43 18.28
CA ASP A 109 12.07 6.85 17.38
C ASP A 109 13.25 5.92 17.70
N SER A 110 13.75 5.17 16.71
CA SER A 110 14.83 4.24 16.92
C SER A 110 16.16 4.91 17.32
N VAL A 111 16.34 6.19 16.98
CA VAL A 111 17.58 6.90 17.29
C VAL A 111 17.55 7.52 18.68
N THR A 112 16.49 8.25 19.01
CA THR A 112 16.39 8.93 20.30
C THR A 112 15.77 8.06 21.41
N GLY A 113 14.85 7.19 21.04
CA GLY A 113 14.13 6.35 22.00
C GLY A 113 12.86 7.00 22.54
N GLU A 114 12.50 8.18 22.03
CA GLU A 114 11.33 8.90 22.44
C GLU A 114 10.05 8.29 21.84
N VAL A 115 8.92 8.45 22.53
CA VAL A 115 7.64 7.97 22.03
C VAL A 115 7.15 8.98 20.99
N THR A 116 6.94 8.53 19.76
CA THR A 116 6.50 9.41 18.69
C THR A 116 5.00 9.22 18.30
N GLY A 117 4.36 8.20 18.86
CA GLY A 117 2.96 7.91 18.62
C GLY A 117 2.48 6.72 19.45
N ARG A 118 1.18 6.54 19.54
CA ARG A 118 0.60 5.40 20.26
C ARG A 118 -0.81 5.10 19.76
N ALA A 119 -1.22 3.84 19.86
CA ALA A 119 -2.54 3.42 19.40
C ALA A 119 -3.18 2.40 20.33
N THR A 120 -4.51 2.33 20.30
CA THR A 120 -5.27 1.34 21.06
C THR A 120 -6.45 0.90 20.20
N SER A 121 -6.80 -0.38 20.27
CA SER A 121 -7.92 -0.91 19.48
C SER A 121 -8.79 -1.84 20.32
N LYS A 122 -10.10 -1.88 20.06
CA LYS A 122 -11.00 -2.78 20.77
C LYS A 122 -11.52 -3.82 19.79
N TRP A 123 -11.30 -5.08 20.11
CA TRP A 123 -11.70 -6.19 19.25
C TRP A 123 -12.79 -6.99 19.90
N VAL A 124 -13.75 -7.46 19.11
CA VAL A 124 -14.87 -8.23 19.63
C VAL A 124 -14.99 -9.56 18.89
N MET A 125 -15.43 -10.60 19.59
CA MET A 125 -15.59 -11.90 18.97
C MET A 125 -16.86 -11.95 18.12
N MET A 126 -16.79 -12.57 16.95
CA MET A 126 -17.91 -12.63 16.03
C MET A 126 -17.90 -13.94 15.23
N ASN A 127 -19.08 -14.46 14.87
CA ASN A 127 -19.15 -15.66 14.04
C ASN A 127 -18.89 -15.21 12.61
N GLN A 128 -17.94 -15.86 11.93
CA GLN A 128 -17.53 -15.58 10.56
C GLN A 128 -18.69 -15.58 9.55
N ASP A 129 -19.58 -16.58 9.66
CA ASP A 129 -20.68 -16.79 8.73
C ASP A 129 -21.89 -15.91 8.98
N THR A 130 -22.41 -15.90 10.21
CA THR A 130 -23.61 -15.11 10.55
C THR A 130 -23.33 -13.65 10.83
N ARG A 131 -22.05 -13.29 11.07
CA ARG A 131 -21.63 -11.94 11.44
C ARG A 131 -22.23 -11.47 12.79
N ARG A 132 -22.69 -12.40 13.62
CA ARG A 132 -23.28 -12.08 14.91
C ARG A 132 -22.22 -12.02 15.99
N LEU A 133 -22.14 -10.88 16.69
CA LEU A 133 -21.19 -10.70 17.77
C LEU A 133 -21.48 -11.64 18.95
N GLN A 134 -20.47 -11.83 19.80
CA GLN A 134 -20.59 -12.65 20.99
C GLN A 134 -19.49 -12.38 22.00
N LYS A 135 -19.76 -12.71 23.26
CA LYS A 135 -18.83 -12.49 24.35
C LYS A 135 -17.70 -13.53 24.36
N VAL A 136 -16.56 -13.18 24.96
CA VAL A 136 -15.42 -14.09 25.02
C VAL A 136 -15.68 -15.18 26.05
N SER A 137 -15.78 -16.43 25.59
CA SER A 137 -16.01 -17.55 26.50
C SER A 137 -14.78 -17.85 27.37
N ASP A 138 -14.99 -18.55 28.50
CA ASP A 138 -13.89 -18.87 29.40
C ASP A 138 -12.87 -19.80 28.75
N ASP A 139 -13.34 -20.75 27.94
CA ASP A 139 -12.48 -21.70 27.23
C ASP A 139 -11.49 -20.96 26.33
N VAL A 140 -11.97 -19.89 25.66
CA VAL A 140 -11.18 -19.04 24.77
C VAL A 140 -10.25 -18.16 25.60
N ARG A 141 -10.78 -17.51 26.65
CA ARG A 141 -10.05 -16.64 27.57
C ARG A 141 -8.76 -17.26 28.11
N ASP A 142 -8.82 -18.52 28.56
CA ASP A 142 -7.67 -19.23 29.11
C ASP A 142 -6.61 -19.54 28.05
N GLU A 143 -7.05 -19.75 26.81
CA GLU A 143 -6.15 -20.05 25.71
C GLU A 143 -5.25 -18.89 25.32
N TYR A 144 -5.65 -17.64 25.62
CA TYR A 144 -4.83 -16.51 25.21
C TYR A 144 -4.33 -15.65 26.37
N LEU A 145 -4.89 -15.81 27.58
CA LEU A 145 -4.48 -15.04 28.76
C LEU A 145 -2.99 -15.19 29.08
N VAL A 146 -2.42 -16.39 28.84
CA VAL A 146 -1.00 -16.67 29.08
C VAL A 146 -0.04 -15.88 28.15
N PHE A 147 -0.59 -15.15 27.18
CA PHE A 147 0.19 -14.32 26.25
C PHE A 147 -0.02 -12.80 26.49
N CYS A 148 -0.78 -12.46 27.54
CA CYS A 148 -1.13 -11.09 27.90
C CYS A 148 -0.59 -10.77 29.28
N PRO A 149 -0.23 -9.49 29.53
CA PRO A 149 0.17 -9.11 30.90
C PRO A 149 -1.05 -9.23 31.84
N GLN A 150 -0.84 -9.69 33.06
CA GLN A 150 -1.94 -9.84 34.02
C GLN A 150 -2.28 -8.50 34.65
N GLU A 151 -1.25 -7.74 35.03
CA GLU A 151 -1.45 -6.39 35.54
C GLU A 151 -1.79 -5.52 34.33
N PRO A 152 -2.71 -4.55 34.46
CA PRO A 152 -3.05 -3.72 33.29
C PRO A 152 -1.85 -2.97 32.72
N ARG A 153 -1.74 -2.94 31.42
CA ARG A 153 -0.67 -2.23 30.73
C ARG A 153 -1.34 -1.43 29.64
N LEU A 154 -1.64 -0.16 29.93
CA LEU A 154 -2.39 0.69 29.00
C LEU A 154 -1.52 1.64 28.20
N ALA A 155 -1.74 1.69 26.88
CA ALA A 155 -1.04 2.68 26.05
C ALA A 155 -1.64 4.07 26.32
N PHE A 156 -2.96 4.15 26.51
CA PHE A 156 -3.69 5.37 26.83
C PHE A 156 -4.30 5.20 28.23
N PRO A 157 -3.50 5.47 29.28
CA PRO A 157 -4.01 5.24 30.63
C PRO A 157 -4.85 6.36 31.24
N GLU A 158 -4.69 7.61 30.76
CA GLU A 158 -5.36 8.83 31.27
C GLU A 158 -6.75 8.63 31.89
N GLU A 159 -7.05 9.43 32.93
CA GLU A 159 -8.32 9.41 33.65
C GLU A 159 -9.48 9.75 32.71
N ASN A 160 -9.28 10.74 31.83
CA ASN A 160 -10.30 11.15 30.87
C ASN A 160 -9.70 11.14 29.47
N ASN A 161 -9.21 9.97 29.02
CA ASN A 161 -8.59 9.84 27.70
C ASN A 161 -9.62 9.89 26.56
N ARG A 162 -9.18 10.30 25.36
CA ARG A 162 -10.04 10.45 24.20
C ARG A 162 -10.33 9.15 23.44
N SER A 163 -9.80 8.01 23.90
CA SER A 163 -10.02 6.73 23.21
C SER A 163 -11.36 6.06 23.54
N LEU A 164 -12.02 6.48 24.62
CA LEU A 164 -13.30 5.88 25.06
C LEU A 164 -14.52 6.81 24.92
N LYS A 165 -14.34 7.97 24.29
CA LYS A 165 -15.40 8.96 24.08
C LYS A 165 -16.46 8.47 23.07
N LYS A 166 -17.75 8.67 23.39
CA LYS A 166 -18.87 8.30 22.53
C LYS A 166 -18.91 9.21 21.28
N ILE A 167 -18.92 8.62 20.06
CA ILE A 167 -18.94 9.41 18.84
C ILE A 167 -20.37 9.57 18.33
N PRO A 168 -20.84 10.82 18.16
CA PRO A 168 -22.19 11.01 17.64
C PRO A 168 -22.31 10.74 16.13
N LYS A 169 -23.55 10.60 15.65
CA LYS A 169 -23.80 10.42 14.22
C LYS A 169 -23.82 11.79 13.55
N LEU A 170 -23.19 11.91 12.37
CA LEU A 170 -23.13 13.17 11.63
C LEU A 170 -24.52 13.49 11.09
N GLU A 171 -24.94 14.76 11.23
CA GLU A 171 -26.25 15.20 10.75
C GLU A 171 -26.17 15.77 9.33
N ASP A 172 -27.10 15.37 8.48
CA ASP A 172 -27.19 15.91 7.13
C ASP A 172 -27.82 17.31 7.20
N PRO A 173 -27.35 18.29 6.40
CA PRO A 173 -26.28 18.19 5.40
C PRO A 173 -24.86 18.27 5.95
N ALA A 174 -23.96 17.43 5.43
CA ALA A 174 -22.56 17.41 5.84
C ALA A 174 -21.85 18.65 5.26
N GLN A 175 -20.82 19.16 5.94
CA GLN A 175 -20.10 20.31 5.45
C GLN A 175 -19.26 19.96 4.20
N TYR A 176 -18.68 18.76 4.19
CA TYR A 176 -17.85 18.23 3.12
C TYR A 176 -18.26 16.81 2.75
N SER A 177 -17.94 16.37 1.53
CA SER A 177 -18.27 15.01 1.11
C SER A 177 -17.46 14.51 -0.07
N MET A 178 -17.14 13.23 -0.07
CA MET A 178 -16.48 12.57 -1.16
C MET A 178 -17.37 11.38 -1.51
N ILE A 179 -18.00 11.44 -2.67
CA ILE A 179 -19.00 10.50 -3.16
C ILE A 179 -18.42 9.41 -4.10
N GLY A 180 -19.09 8.27 -4.21
CA GLY A 180 -18.74 7.21 -5.15
C GLY A 180 -17.48 6.43 -4.89
N LEU A 181 -17.05 6.34 -3.63
CA LEU A 181 -15.81 5.62 -3.29
C LEU A 181 -15.98 4.09 -3.31
N LYS A 182 -15.18 3.40 -4.14
CA LYS A 182 -15.26 1.95 -4.24
C LYS A 182 -13.91 1.33 -3.91
N PRO A 183 -13.88 0.11 -3.35
CA PRO A 183 -12.60 -0.56 -3.14
C PRO A 183 -12.07 -1.30 -4.39
N ARG A 184 -10.75 -1.31 -4.58
CA ARG A 184 -10.14 -2.09 -5.66
C ARG A 184 -9.46 -3.36 -5.05
N ARG A 185 -8.84 -4.25 -5.85
CA ARG A 185 -8.23 -5.46 -5.27
C ARG A 185 -7.11 -5.14 -4.28
N ALA A 186 -6.38 -4.03 -4.47
CA ALA A 186 -5.34 -3.62 -3.52
C ALA A 186 -5.93 -3.26 -2.14
N ASP A 187 -7.22 -2.95 -2.06
CA ASP A 187 -7.86 -2.63 -0.79
C ASP A 187 -8.28 -3.88 0.00
N LEU A 188 -8.34 -5.06 -0.63
CA LEU A 188 -8.73 -6.28 0.07
C LEU A 188 -7.52 -6.93 0.77
N ASP A 189 -7.76 -7.72 1.81
CA ASP A 189 -6.71 -8.48 2.48
C ASP A 189 -6.60 -9.89 1.83
N MET A 190 -5.79 -10.81 2.42
CA MET A 190 -5.63 -12.18 1.93
C MET A 190 -6.95 -12.99 1.94
N ASN A 191 -7.90 -12.61 2.83
CA ASN A 191 -9.20 -13.29 2.95
C ASN A 191 -10.32 -12.66 2.11
N GLN A 192 -9.98 -11.68 1.26
CA GLN A 192 -10.85 -10.96 0.33
C GLN A 192 -11.81 -9.98 0.98
N HIS A 193 -11.61 -9.66 2.26
CA HIS A 193 -12.41 -8.65 2.95
C HIS A 193 -11.67 -7.31 2.82
N VAL A 194 -12.39 -6.18 2.84
CA VAL A 194 -11.75 -4.87 2.74
C VAL A 194 -10.86 -4.60 3.98
N ASN A 195 -9.59 -4.23 3.76
CA ASN A 195 -8.63 -3.95 4.82
C ASN A 195 -9.12 -2.80 5.70
N ASN A 196 -9.05 -2.96 7.03
CA ASN A 196 -9.51 -1.93 7.98
C ASN A 196 -8.85 -0.55 7.78
N VAL A 197 -7.68 -0.52 7.12
CA VAL A 197 -6.94 0.71 6.85
C VAL A 197 -7.62 1.52 5.74
N THR A 198 -8.34 0.85 4.81
CA THR A 198 -9.03 1.51 3.70
C THR A 198 -10.08 2.48 4.22
N TYR A 199 -10.75 2.11 5.32
CA TYR A 199 -11.74 2.96 5.97
C TYR A 199 -11.11 4.25 6.46
N ILE A 200 -9.86 4.19 6.99
CA ILE A 200 -9.15 5.40 7.42
C ILE A 200 -8.97 6.37 6.25
N GLY A 201 -8.49 5.85 5.12
CA GLY A 201 -8.31 6.63 3.90
C GLY A 201 -9.60 7.21 3.38
N TRP A 202 -10.68 6.39 3.32
CA TRP A 202 -11.97 6.86 2.87
C TRP A 202 -12.50 7.95 3.76
N VAL A 203 -12.31 7.84 5.10
CA VAL A 203 -12.75 8.88 6.04
C VAL A 203 -12.03 10.21 5.69
N LEU A 204 -10.70 10.14 5.55
CA LEU A 204 -9.88 11.31 5.24
C LEU A 204 -10.10 11.92 3.85
N GLU A 205 -10.77 11.20 2.93
CA GLU A 205 -11.02 11.70 1.58
C GLU A 205 -11.94 12.93 1.54
N SER A 206 -12.82 13.07 2.55
CA SER A 206 -13.69 14.23 2.65
C SER A 206 -13.08 15.39 3.45
N ILE A 207 -11.86 15.23 4.01
CA ILE A 207 -11.18 16.33 4.69
C ILE A 207 -10.68 17.22 3.55
N PRO A 208 -11.02 18.52 3.57
CA PRO A 208 -10.58 19.40 2.48
C PRO A 208 -9.06 19.46 2.33
N GLN A 209 -8.57 19.54 1.09
CA GLN A 209 -7.13 19.58 0.79
C GLN A 209 -6.37 20.69 1.53
N GLU A 210 -7.02 21.84 1.75
CA GLU A 210 -6.39 22.96 2.48
C GLU A 210 -6.01 22.58 3.92
N ILE A 211 -6.83 21.76 4.59
CA ILE A 211 -6.51 21.30 5.94
C ILE A 211 -5.30 20.37 5.87
N VAL A 212 -5.27 19.47 4.90
CA VAL A 212 -4.17 18.52 4.73
C VAL A 212 -2.82 19.21 4.45
N ASP A 213 -2.85 20.31 3.68
CA ASP A 213 -1.66 21.08 3.32
C ASP A 213 -1.09 21.94 4.45
N THR A 214 -1.95 22.40 5.38
CA THR A 214 -1.54 23.32 6.45
C THR A 214 -1.50 22.69 7.85
N HIS A 215 -2.23 21.61 8.07
CA HIS A 215 -2.30 20.95 9.37
C HIS A 215 -1.71 19.54 9.32
N GLU A 216 -1.43 18.97 10.50
CA GLU A 216 -0.97 17.60 10.63
C GLU A 216 -1.99 16.82 11.47
N LEU A 217 -2.31 15.60 11.07
CA LEU A 217 -3.26 14.78 11.80
C LEU A 217 -2.63 14.35 13.11
N GLN A 218 -3.27 14.72 14.22
CA GLN A 218 -2.77 14.39 15.55
C GLN A 218 -3.54 13.20 16.15
N VAL A 219 -4.87 13.24 16.13
CA VAL A 219 -5.68 12.13 16.69
C VAL A 219 -6.71 11.70 15.68
N ILE A 220 -6.97 10.40 15.59
CA ILE A 220 -8.02 9.81 14.77
C ILE A 220 -8.67 8.70 15.59
N THR A 221 -9.98 8.77 15.74
CA THR A 221 -10.73 7.75 16.45
C THR A 221 -11.74 7.22 15.44
N LEU A 222 -11.78 5.91 15.27
CA LEU A 222 -12.69 5.31 14.32
C LEU A 222 -13.52 4.20 14.94
N ASP A 223 -14.84 4.22 14.71
CA ASP A 223 -15.80 3.22 15.17
C ASP A 223 -16.24 2.40 13.97
N TYR A 224 -16.11 1.09 14.05
CA TYR A 224 -16.43 0.17 12.97
C TYR A 224 -17.81 -0.46 13.18
N ARG A 225 -18.80 -0.06 12.38
CA ARG A 225 -20.16 -0.55 12.55
C ARG A 225 -20.53 -1.68 11.61
N ARG A 226 -20.01 -1.63 10.40
CA ARG A 226 -20.30 -2.62 9.36
C ARG A 226 -19.13 -2.71 8.40
N GLU A 227 -19.05 -3.82 7.68
CA GLU A 227 -18.00 -3.98 6.71
C GLU A 227 -18.54 -3.70 5.31
N CYS A 228 -17.73 -3.00 4.53
CA CYS A 228 -18.07 -2.63 3.16
C CYS A 228 -17.68 -3.83 2.31
N GLN A 229 -18.64 -4.34 1.54
CA GLN A 229 -18.38 -5.47 0.65
C GLN A 229 -17.61 -5.00 -0.60
N GLN A 230 -16.98 -5.94 -1.29
CA GLN A 230 -16.21 -5.71 -2.51
C GLN A 230 -17.03 -4.93 -3.59
N ASP A 231 -18.33 -5.23 -3.71
CA ASP A 231 -19.21 -4.59 -4.68
C ASP A 231 -20.09 -3.47 -4.08
N ASP A 232 -19.62 -2.84 -3.00
CA ASP A 232 -20.33 -1.74 -2.38
C ASP A 232 -19.67 -0.40 -2.74
N VAL A 233 -20.45 0.67 -2.68
CA VAL A 233 -19.98 2.02 -2.94
C VAL A 233 -20.25 2.85 -1.65
N VAL A 234 -19.24 3.60 -1.19
CA VAL A 234 -19.25 4.39 0.03
C VAL A 234 -19.25 5.91 -0.25
N ASP A 235 -19.89 6.67 0.65
CA ASP A 235 -19.88 8.13 0.65
C ASP A 235 -19.20 8.56 1.94
N SER A 236 -18.18 9.42 1.85
CA SER A 236 -17.44 9.92 3.00
C SER A 236 -17.92 11.34 3.33
N LEU A 237 -18.45 11.58 4.54
CA LEU A 237 -19.00 12.87 4.94
C LEU A 237 -18.21 13.49 6.10
N THR A 238 -18.05 14.82 6.13
CA THR A 238 -17.28 15.48 7.20
C THR A 238 -17.90 16.82 7.58
N THR A 239 -17.88 17.17 8.88
CA THR A 239 -18.36 18.45 9.38
C THR A 239 -17.37 18.94 10.45
N THR A 240 -17.01 20.23 10.42
CA THR A 240 -16.10 20.78 11.42
C THR A 240 -16.84 21.01 12.76
N THR A 241 -16.37 20.42 13.85
CA THR A 241 -16.99 20.62 15.15
C THR A 241 -16.22 21.61 16.04
N SER A 242 -15.15 22.23 15.52
CA SER A 242 -14.38 23.21 16.28
C SER A 242 -14.73 24.64 15.82
N ASN A 259 -6.27 27.36 16.89
CA ASN A 259 -5.03 26.70 16.49
C ASN A 259 -5.24 25.23 16.09
N ASP A 260 -6.27 24.56 16.66
CA ASP A 260 -6.54 23.17 16.35
C ASP A 260 -7.87 23.00 15.60
N SER A 261 -7.95 21.99 14.71
CA SER A 261 -9.18 21.74 13.97
C SER A 261 -9.76 20.36 14.33
N GLN A 262 -11.05 20.29 14.55
CA GLN A 262 -11.74 19.06 14.91
C GLN A 262 -12.80 18.76 13.87
N PHE A 263 -12.96 17.49 13.55
CA PHE A 263 -13.92 17.06 12.55
C PHE A 263 -14.71 15.86 13.02
N LEU A 264 -15.95 15.77 12.58
CA LEU A 264 -16.82 14.62 12.83
C LEU A 264 -17.02 13.96 11.45
N HIS A 265 -16.88 12.64 11.39
CA HIS A 265 -16.92 11.89 10.12
C HIS A 265 -18.02 10.84 10.07
N LEU A 266 -18.40 10.44 8.84
CA LEU A 266 -19.39 9.39 8.65
C LEU A 266 -19.20 8.71 7.28
N LEU A 267 -18.97 7.39 7.28
CA LEU A 267 -18.92 6.60 6.05
C LEU A 267 -20.25 5.87 5.98
N ARG A 268 -20.91 5.91 4.83
CA ARG A 268 -22.19 5.23 4.65
C ARG A 268 -22.34 4.71 3.23
N LEU A 269 -23.19 3.70 3.03
CA LEU A 269 -23.41 3.16 1.70
C LEU A 269 -24.07 4.19 0.82
N SER A 270 -23.59 4.31 -0.43
CA SER A 270 -24.04 5.27 -1.42
C SER A 270 -25.53 5.20 -1.68
N GLY A 271 -26.06 4.00 -1.70
CA GLY A 271 -27.47 3.80 -1.97
C GLY A 271 -28.41 4.14 -0.83
N ASP A 272 -28.72 3.15 0.01
CA ASP A 272 -29.65 3.28 1.12
C ASP A 272 -29.18 4.16 2.27
N GLY A 273 -27.90 4.50 2.32
CA GLY A 273 -27.37 5.31 3.41
C GLY A 273 -27.13 4.52 4.68
N GLN A 274 -26.83 3.21 4.54
CA GLN A 274 -26.55 2.35 5.69
C GLN A 274 -25.18 2.71 6.25
N GLU A 275 -25.11 2.98 7.56
CA GLU A 275 -23.88 3.36 8.23
C GLU A 275 -22.88 2.22 8.28
N ILE A 276 -21.62 2.52 8.01
CA ILE A 276 -20.57 1.53 8.11
C ILE A 276 -19.48 2.01 9.10
N ASN A 277 -19.24 3.33 9.21
CA ASN A 277 -18.25 3.88 10.12
C ASN A 277 -18.62 5.28 10.59
N ARG A 278 -18.11 5.65 11.75
CA ARG A 278 -18.21 7.01 12.30
C ARG A 278 -16.90 7.29 13.04
N GLY A 279 -16.47 8.54 13.03
CA GLY A 279 -15.20 8.86 13.68
C GLY A 279 -14.94 10.33 13.89
N THR A 280 -13.80 10.65 14.49
CA THR A 280 -13.41 12.03 14.74
C THR A 280 -11.94 12.16 14.46
N THR A 281 -11.54 13.34 14.01
CA THR A 281 -10.14 13.65 13.80
C THR A 281 -9.81 14.97 14.49
N LEU A 282 -8.55 15.13 14.92
CA LEU A 282 -8.06 16.36 15.52
C LEU A 282 -6.76 16.68 14.81
N TRP A 283 -6.64 17.92 14.29
CA TRP A 283 -5.46 18.32 13.54
C TRP A 283 -4.81 19.54 14.19
N ARG A 284 -3.49 19.72 13.98
CA ARG A 284 -2.81 20.89 14.56
C ARG A 284 -1.99 21.64 13.49
N LYS A 285 -1.88 22.98 13.60
CA LYS A 285 -1.15 23.77 12.61
C LYS A 285 0.31 23.36 12.54
N LYS A 286 0.89 23.28 11.32
CA LYS A 286 2.29 22.88 11.14
C LYS A 286 3.31 23.85 11.74
N GLY B 2 19.41 -1.53 1.55
CA GLY B 2 20.42 -2.51 1.17
C GLY B 2 21.76 -1.84 0.94
N SER B 3 22.44 -2.18 -0.17
CA SER B 3 23.72 -1.56 -0.48
C SER B 3 24.14 -1.75 -1.94
N LEU B 4 25.05 -0.89 -2.42
CA LEU B 4 25.61 -1.03 -3.76
C LEU B 4 26.50 -2.27 -3.75
N THR B 5 26.59 -2.97 -4.89
CA THR B 5 27.46 -4.13 -4.99
C THR B 5 28.94 -3.68 -4.99
N GLU B 6 29.87 -4.63 -4.91
CA GLU B 6 31.31 -4.33 -4.84
C GLU B 6 31.79 -3.35 -5.92
N ASP B 7 31.25 -3.43 -7.14
CA ASP B 7 31.66 -2.54 -8.22
C ASP B 7 30.94 -1.18 -8.25
N GLY B 8 29.93 -0.99 -7.40
CA GLY B 8 29.14 0.23 -7.37
C GLY B 8 28.26 0.44 -8.58
N LEU B 9 28.11 -0.60 -9.42
CA LEU B 9 27.32 -0.48 -10.65
C LEU B 9 25.91 -1.06 -10.56
N SER B 10 25.50 -1.55 -9.39
CA SER B 10 24.16 -2.06 -9.13
C SER B 10 23.86 -2.01 -7.62
N TYR B 11 22.60 -2.21 -7.23
CA TYR B 11 22.19 -2.11 -5.83
C TYR B 11 21.34 -3.32 -5.45
N LYS B 12 21.51 -3.83 -4.23
CA LYS B 12 20.73 -4.97 -3.77
C LYS B 12 19.99 -4.64 -2.48
N GLU B 13 18.79 -5.18 -2.32
CA GLU B 13 18.01 -5.00 -1.11
C GLU B 13 17.14 -6.22 -0.82
N LYS B 14 17.08 -6.61 0.46
CA LYS B 14 16.24 -7.73 0.86
C LYS B 14 14.99 -7.17 1.52
N PHE B 15 13.81 -7.67 1.10
CA PHE B 15 12.53 -7.25 1.66
C PHE B 15 11.81 -8.45 2.26
N VAL B 16 11.21 -8.29 3.44
CA VAL B 16 10.41 -9.36 4.02
C VAL B 16 8.96 -9.09 3.60
N VAL B 17 8.28 -10.02 2.94
CA VAL B 17 6.90 -9.82 2.48
C VAL B 17 5.91 -9.72 3.69
N ARG B 18 5.07 -8.66 3.73
CA ARG B 18 4.11 -8.33 4.80
C ARG B 18 2.71 -8.92 4.62
N SER B 19 1.95 -9.04 5.73
CA SER B 19 0.60 -9.60 5.74
C SER B 19 -0.37 -8.87 4.82
N TYR B 20 -0.37 -7.53 4.86
CA TYR B 20 -1.27 -6.76 3.99
C TYR B 20 -0.75 -6.65 2.54
N GLU B 21 0.44 -7.16 2.26
CA GLU B 21 1.03 -7.10 0.94
C GLU B 21 0.66 -8.31 0.06
N VAL B 22 -0.06 -9.30 0.60
CA VAL B 22 -0.41 -10.51 -0.14
C VAL B 22 -1.88 -10.58 -0.50
N GLY B 23 -2.18 -11.32 -1.57
CA GLY B 23 -3.52 -11.55 -2.06
C GLY B 23 -4.15 -12.82 -1.53
N SER B 24 -5.22 -13.28 -2.19
CA SER B 24 -5.99 -14.47 -1.79
C SER B 24 -5.17 -15.79 -1.79
N ASN B 25 -4.08 -15.82 -2.55
CA ASN B 25 -3.17 -16.97 -2.61
C ASN B 25 -2.02 -16.93 -1.57
N LYS B 26 -2.05 -15.92 -0.67
CA LYS B 26 -1.07 -15.65 0.39
C LYS B 26 0.37 -15.42 -0.14
N THR B 27 0.47 -14.89 -1.36
CA THR B 27 1.72 -14.50 -2.02
C THR B 27 1.60 -13.04 -2.45
N ALA B 28 2.72 -12.33 -2.56
CA ALA B 28 2.76 -10.91 -2.88
C ALA B 28 2.00 -10.57 -4.16
N THR B 29 1.24 -9.47 -4.15
CA THR B 29 0.51 -9.07 -5.35
C THR B 29 1.49 -8.44 -6.36
N VAL B 30 1.07 -8.29 -7.62
CA VAL B 30 1.94 -7.64 -8.62
C VAL B 30 2.16 -6.15 -8.27
N GLU B 31 1.21 -5.53 -7.54
CA GLU B 31 1.37 -4.14 -7.10
C GLU B 31 2.36 -4.06 -5.94
N THR B 32 2.42 -5.09 -5.06
CA THR B 32 3.42 -5.11 -4.00
C THR B 32 4.80 -5.25 -4.63
N ILE B 33 4.96 -6.19 -5.60
CA ILE B 33 6.22 -6.34 -6.34
C ILE B 33 6.61 -5.01 -7.01
N ALA B 34 5.65 -4.37 -7.69
CA ALA B 34 5.88 -3.08 -8.35
C ALA B 34 6.30 -1.98 -7.37
N ASN B 35 5.78 -2.00 -6.14
CA ASN B 35 6.12 -1.07 -5.06
C ASN B 35 7.54 -1.32 -4.56
N LEU B 36 7.92 -2.59 -4.41
CA LEU B 36 9.26 -3.02 -4.00
C LEU B 36 10.31 -2.65 -5.06
N LEU B 37 9.96 -2.75 -6.35
CA LEU B 37 10.89 -2.36 -7.42
C LEU B 37 11.15 -0.85 -7.34
N GLN B 38 10.10 -0.03 -7.15
CA GLN B 38 10.31 1.40 -7.10
C GLN B 38 11.05 1.83 -5.81
N GLU B 39 10.93 1.05 -4.73
CA GLU B 39 11.64 1.33 -3.48
C GLU B 39 13.13 1.05 -3.61
N VAL B 40 13.50 -0.10 -4.20
CA VAL B 40 14.91 -0.42 -4.37
C VAL B 40 15.56 0.56 -5.40
N GLY B 41 14.79 1.00 -6.38
CA GLY B 41 15.26 2.01 -7.34
C GLY B 41 15.55 3.36 -6.69
N CYS B 42 14.76 3.74 -5.67
CA CYS B 42 14.95 4.99 -4.94
C CYS B 42 16.19 4.91 -4.06
N ASN B 43 16.40 3.78 -3.38
CA ASN B 43 17.55 3.60 -2.52
C ASN B 43 18.84 3.56 -3.34
N HIS B 44 18.80 3.00 -4.56
CA HIS B 44 19.95 2.99 -5.45
C HIS B 44 20.28 4.46 -5.83
N ALA B 45 19.28 5.27 -6.19
CA ALA B 45 19.50 6.68 -6.51
C ALA B 45 20.08 7.46 -5.30
N GLN B 46 19.52 7.28 -4.10
CA GLN B 46 20.00 7.94 -2.89
C GLN B 46 21.44 7.56 -2.54
N SER B 47 21.78 6.27 -2.71
CA SER B 47 23.11 5.76 -2.39
C SER B 47 24.22 6.31 -3.26
N VAL B 48 23.88 6.93 -4.41
CA VAL B 48 24.90 7.53 -5.26
C VAL B 48 24.67 9.05 -5.47
N GLY B 49 23.94 9.68 -4.56
CA GLY B 49 23.67 11.11 -4.55
C GLY B 49 22.56 11.62 -5.44
N PHE B 50 21.36 11.04 -5.38
CA PHE B 50 20.25 11.51 -6.21
C PHE B 50 18.94 11.69 -5.41
N ALA B 56 15.28 12.61 -7.91
CA ALA B 56 16.18 11.74 -8.67
C ALA B 56 16.67 12.44 -9.95
N THR B 57 17.41 13.54 -9.78
CA THR B 57 17.90 14.34 -10.90
C THR B 57 19.39 14.67 -10.77
N THR B 58 20.04 15.07 -11.89
CA THR B 58 21.44 15.49 -11.92
C THR B 58 21.53 17.03 -11.72
N THR B 59 22.75 17.59 -11.69
CA THR B 59 22.96 19.03 -11.51
C THR B 59 22.31 19.81 -12.63
N THR B 60 22.53 19.37 -13.89
CA THR B 60 21.94 20.00 -15.06
C THR B 60 20.42 19.88 -15.04
N MET B 61 19.89 18.67 -14.79
CA MET B 61 18.46 18.42 -14.76
C MET B 61 17.65 19.36 -13.87
N ARG B 62 18.14 19.68 -12.66
CA ARG B 62 17.39 20.57 -11.77
C ARG B 62 17.45 22.03 -12.22
N LYS B 63 18.57 22.44 -12.83
CA LYS B 63 18.67 23.80 -13.38
C LYS B 63 17.75 23.95 -14.60
N LEU B 64 17.54 22.88 -15.37
CA LEU B 64 16.68 22.93 -16.55
C LEU B 64 15.23 22.49 -16.30
N HIS B 65 14.85 22.18 -15.03
CA HIS B 65 13.50 21.74 -14.68
C HIS B 65 13.12 20.46 -15.44
N LEU B 66 14.04 19.48 -15.43
CA LEU B 66 13.93 18.19 -16.12
C LEU B 66 13.80 17.04 -15.14
N ILE B 67 12.98 16.04 -15.48
CA ILE B 67 12.76 14.83 -14.67
C ILE B 67 12.77 13.58 -15.55
N TRP B 68 13.03 12.40 -14.94
CA TRP B 68 12.91 11.12 -15.65
C TRP B 68 11.48 10.68 -15.43
N VAL B 69 10.76 10.36 -16.51
CA VAL B 69 9.37 9.88 -16.41
C VAL B 69 9.27 8.47 -16.99
N THR B 70 8.38 7.62 -16.45
CA THR B 70 8.22 6.27 -16.98
C THR B 70 7.46 6.32 -18.30
N ALA B 71 7.97 5.60 -19.29
CA ALA B 71 7.33 5.49 -20.59
C ALA B 71 6.77 4.06 -20.78
N ARG B 72 7.42 3.07 -20.20
CA ARG B 72 7.06 1.68 -20.38
C ARG B 72 7.61 0.81 -19.23
N MET B 73 6.81 -0.13 -18.76
CA MET B 73 7.21 -1.02 -17.68
C MET B 73 6.87 -2.43 -18.11
N HIS B 74 7.79 -3.38 -17.93
CA HIS B 74 7.54 -4.76 -18.28
C HIS B 74 7.98 -5.63 -17.10
N ILE B 75 7.09 -6.48 -16.59
CA ILE B 75 7.40 -7.35 -15.45
C ILE B 75 7.01 -8.79 -15.75
N GLU B 76 7.92 -9.74 -15.49
N GLU B 76 7.92 -9.74 -15.49
N GLU B 76 7.92 -9.74 -15.49
CA GLU B 76 7.66 -11.17 -15.68
CA GLU B 76 7.69 -11.17 -15.67
CA GLU B 76 7.67 -11.16 -15.68
C GLU B 76 7.95 -11.88 -14.37
C GLU B 76 7.95 -11.88 -14.35
C GLU B 76 7.95 -11.88 -14.37
N ILE B 77 6.93 -12.52 -13.77
CA ILE B 77 7.07 -13.22 -12.50
C ILE B 77 6.87 -14.75 -12.62
N TYR B 78 7.86 -15.55 -12.18
CA TYR B 78 7.77 -17.02 -12.21
C TYR B 78 7.23 -17.56 -10.88
N LYS B 79 7.52 -16.87 -9.77
CA LYS B 79 7.06 -17.29 -8.45
C LYS B 79 6.85 -16.06 -7.58
N TYR B 80 5.67 -15.94 -6.97
CA TYR B 80 5.39 -14.78 -6.11
C TYR B 80 5.83 -15.13 -4.69
N PRO B 81 6.63 -14.26 -4.03
CA PRO B 81 7.07 -14.59 -2.67
C PRO B 81 5.93 -14.64 -1.68
N ALA B 82 5.90 -15.69 -0.84
CA ALA B 82 4.87 -15.87 0.16
C ALA B 82 5.03 -14.89 1.33
N TRP B 83 3.95 -14.72 2.11
CA TRP B 83 3.93 -13.87 3.30
C TRP B 83 4.95 -14.41 4.30
N GLY B 84 5.93 -13.59 4.67
CA GLY B 84 6.99 -14.00 5.58
C GLY B 84 8.31 -14.31 4.89
N ASP B 85 8.28 -14.56 3.56
CA ASP B 85 9.49 -14.85 2.79
C ASP B 85 10.32 -13.60 2.51
N VAL B 86 11.62 -13.78 2.43
CA VAL B 86 12.53 -12.68 2.11
C VAL B 86 12.83 -12.74 0.61
N VAL B 87 12.64 -11.60 -0.10
CA VAL B 87 12.94 -11.52 -1.52
C VAL B 87 14.11 -10.58 -1.73
N GLU B 88 15.09 -10.96 -2.57
CA GLU B 88 16.22 -10.08 -2.82
C GLU B 88 16.15 -9.49 -4.22
N ILE B 89 16.06 -8.17 -4.31
CA ILE B 89 15.98 -7.50 -5.59
C ILE B 89 17.29 -6.76 -5.91
N GLU B 90 17.86 -7.01 -7.10
CA GLU B 90 19.04 -6.32 -7.60
C GLU B 90 18.64 -5.40 -8.77
N THR B 91 19.08 -4.15 -8.72
CA THR B 91 18.71 -3.17 -9.73
C THR B 91 19.89 -2.36 -10.26
N TRP B 92 19.81 -1.96 -11.52
CA TRP B 92 20.85 -1.15 -12.16
C TRP B 92 20.25 -0.27 -13.26
N CYS B 93 21.04 0.69 -13.77
CA CYS B 93 20.59 1.57 -14.84
C CYS B 93 21.47 1.43 -16.06
N GLN B 94 20.96 1.83 -17.22
CA GLN B 94 21.76 1.80 -18.43
C GLN B 94 21.29 2.82 -19.45
N SER B 95 22.25 3.37 -20.19
CA SER B 95 21.97 4.34 -21.22
C SER B 95 21.37 3.68 -22.43
N GLU B 96 20.49 4.41 -23.08
CA GLU B 96 19.93 4.08 -24.38
C GLU B 96 20.20 5.30 -25.27
N GLY B 97 21.43 5.82 -25.22
CA GLY B 97 21.88 6.99 -25.96
C GLY B 97 21.05 8.20 -25.60
N ARG B 98 20.51 8.84 -26.61
CA ARG B 98 19.66 10.02 -26.42
C ARG B 98 18.16 9.67 -26.37
N ILE B 99 17.79 8.37 -26.41
CA ILE B 99 16.39 8.00 -26.31
C ILE B 99 15.92 8.12 -24.85
N GLY B 100 16.76 7.73 -23.91
CA GLY B 100 16.44 7.79 -22.50
C GLY B 100 17.27 6.82 -21.69
N THR B 101 16.75 6.44 -20.53
CA THR B 101 17.43 5.51 -19.64
C THR B 101 16.59 4.27 -19.41
N ARG B 102 17.22 3.16 -19.10
CA ARG B 102 16.53 1.92 -18.80
C ARG B 102 16.88 1.51 -17.37
N ARG B 103 15.90 1.08 -16.55
CA ARG B 103 16.21 0.55 -15.23
C ARG B 103 15.74 -0.89 -15.22
N ASP B 104 16.64 -1.82 -14.85
CA ASP B 104 16.33 -3.25 -14.84
C ASP B 104 16.36 -3.84 -13.42
N TRP B 105 15.59 -4.91 -13.20
CA TRP B 105 15.52 -5.54 -11.89
C TRP B 105 15.54 -7.06 -12.00
N ILE B 106 16.10 -7.74 -10.98
CA ILE B 106 16.14 -9.20 -10.89
C ILE B 106 15.67 -9.55 -9.48
N LEU B 107 14.60 -10.33 -9.38
N LEU B 107 14.59 -10.33 -9.37
N LEU B 107 14.59 -10.33 -9.38
CA LEU B 107 14.06 -10.76 -8.08
CA LEU B 107 14.06 -10.76 -8.08
CA LEU B 107 14.06 -10.76 -8.08
C LEU B 107 14.57 -12.17 -7.81
C LEU B 107 14.57 -12.17 -7.81
C LEU B 107 14.57 -12.17 -7.81
N LYS B 108 15.09 -12.42 -6.61
CA LYS B 108 15.63 -13.74 -6.23
C LYS B 108 15.07 -14.25 -4.92
N ASP B 109 14.99 -15.57 -4.77
CA ASP B 109 14.56 -16.21 -3.55
C ASP B 109 15.80 -16.14 -2.64
N SER B 110 15.66 -15.53 -1.46
CA SER B 110 16.80 -15.39 -0.55
C SER B 110 17.32 -16.73 0.01
N VAL B 111 16.47 -17.78 0.02
CA VAL B 111 16.88 -19.06 0.55
C VAL B 111 17.56 -19.93 -0.50
N THR B 112 16.97 -20.07 -1.68
CA THR B 112 17.52 -20.91 -2.73
C THR B 112 18.51 -20.20 -3.65
N GLY B 113 18.29 -18.93 -3.88
CA GLY B 113 19.12 -18.13 -4.78
C GLY B 113 18.63 -18.14 -6.22
N GLU B 114 17.47 -18.77 -6.47
CA GLU B 114 16.90 -18.86 -7.79
C GLU B 114 16.22 -17.55 -8.19
N VAL B 115 16.15 -17.28 -9.49
CA VAL B 115 15.50 -16.09 -10.00
C VAL B 115 13.99 -16.39 -9.99
N THR B 116 13.22 -15.57 -9.26
CA THR B 116 11.77 -15.78 -9.19
C THR B 116 10.96 -14.77 -10.01
N GLY B 117 11.62 -13.76 -10.55
CA GLY B 117 11.00 -12.73 -11.37
C GLY B 117 12.01 -11.73 -11.90
N ARG B 118 11.61 -10.90 -12.86
N ARG B 118 11.61 -10.90 -12.86
N ARG B 118 11.61 -10.91 -12.86
CA ARG B 118 12.47 -9.87 -13.42
CA ARG B 118 12.47 -9.87 -13.42
CA ARG B 118 12.47 -9.88 -13.44
C ARG B 118 11.66 -8.75 -14.08
C ARG B 118 11.66 -8.75 -14.08
C ARG B 118 11.66 -8.75 -14.08
N ALA B 119 12.22 -7.55 -14.12
CA ALA B 119 11.53 -6.41 -14.71
C ALA B 119 12.47 -5.49 -15.48
N THR B 120 11.91 -4.73 -16.42
CA THR B 120 12.65 -3.74 -17.19
C THR B 120 11.74 -2.55 -17.42
N SER B 121 12.29 -1.34 -17.37
CA SER B 121 11.50 -0.13 -17.57
C SER B 121 12.22 0.85 -18.48
N LYS B 122 11.48 1.64 -19.28
CA LYS B 122 12.06 2.64 -20.14
C LYS B 122 11.65 4.01 -19.65
N TRP B 123 12.63 4.85 -19.37
CA TRP B 123 12.42 6.18 -18.84
C TRP B 123 12.84 7.21 -19.84
N VAL B 124 12.10 8.30 -19.92
CA VAL B 124 12.39 9.37 -20.87
C VAL B 124 12.51 10.72 -20.16
N MET B 125 13.34 11.61 -20.67
CA MET B 125 13.54 12.93 -20.10
C MET B 125 12.35 13.83 -20.45
N MET B 126 11.84 14.61 -19.49
CA MET B 126 10.68 15.49 -19.69
C MET B 126 10.80 16.75 -18.83
N ASN B 127 10.28 17.89 -19.33
CA ASN B 127 10.26 19.12 -18.54
C ASN B 127 9.11 19.00 -17.55
N GLN B 128 9.35 19.28 -16.26
CA GLN B 128 8.35 19.21 -15.19
C GLN B 128 7.13 20.10 -15.42
N ASP B 129 7.31 21.23 -16.10
CA ASP B 129 6.29 22.25 -16.26
C ASP B 129 5.44 22.11 -17.54
N THR B 130 6.09 22.10 -18.73
CA THR B 130 5.36 21.98 -20.00
C THR B 130 4.97 20.55 -20.36
N ARG B 131 5.54 19.55 -19.67
CA ARG B 131 5.42 18.10 -19.87
C ARG B 131 5.92 17.66 -21.28
N ARG B 132 6.79 18.47 -21.91
CA ARG B 132 7.31 18.18 -23.25
C ARG B 132 8.48 17.24 -23.19
N LEU B 133 8.43 16.18 -24.01
CA LEU B 133 9.48 15.18 -24.10
C LEU B 133 10.82 15.79 -24.50
N GLN B 134 11.92 15.11 -24.18
CA GLN B 134 13.25 15.62 -24.48
C GLN B 134 14.25 14.50 -24.64
N LYS B 135 15.20 14.67 -25.55
CA LYS B 135 16.28 13.70 -25.70
C LYS B 135 17.32 13.96 -24.60
N VAL B 136 18.07 12.92 -24.20
CA VAL B 136 19.07 13.06 -23.16
C VAL B 136 20.28 13.78 -23.73
N SER B 137 20.65 14.93 -23.16
CA SER B 137 21.83 15.66 -23.63
C SER B 137 23.15 14.97 -23.21
N ASP B 138 24.28 15.33 -23.86
CA ASP B 138 25.56 14.74 -23.51
C ASP B 138 25.99 15.14 -22.12
N ASP B 139 25.82 16.41 -21.74
CA ASP B 139 26.19 16.87 -20.40
C ASP B 139 25.44 16.11 -19.31
N VAL B 140 24.21 15.62 -19.60
CA VAL B 140 23.45 14.82 -18.65
C VAL B 140 24.01 13.40 -18.64
N ARG B 141 24.26 12.82 -19.84
CA ARG B 141 24.82 11.48 -19.96
C ARG B 141 26.15 11.32 -19.23
N ASP B 142 27.01 12.33 -19.28
CA ASP B 142 28.30 12.28 -18.57
C ASP B 142 28.10 12.20 -17.06
N GLU B 143 27.05 12.85 -16.54
CA GLU B 143 26.78 12.89 -15.12
C GLU B 143 26.29 11.57 -14.51
N TYR B 144 25.68 10.66 -15.31
CA TYR B 144 25.18 9.42 -14.73
C TYR B 144 25.80 8.15 -15.29
N LEU B 145 26.58 8.23 -16.39
CA LEU B 145 27.25 7.07 -17.00
C LEU B 145 28.18 6.36 -16.03
N VAL B 146 28.84 7.12 -15.16
CA VAL B 146 29.77 6.57 -14.17
C VAL B 146 29.09 5.67 -13.12
N PHE B 147 27.74 5.61 -13.12
CA PHE B 147 26.97 4.78 -12.20
C PHE B 147 26.28 3.58 -12.92
N CYS B 148 26.53 3.41 -14.22
CA CYS B 148 25.95 2.39 -15.05
C CYS B 148 27.03 1.48 -15.59
N PRO B 149 26.71 0.18 -15.82
CA PRO B 149 27.69 -0.70 -16.48
C PRO B 149 27.91 -0.21 -17.93
N GLN B 150 29.15 -0.27 -18.42
CA GLN B 150 29.43 0.19 -19.79
C GLN B 150 29.08 -0.90 -20.80
N GLU B 151 29.41 -2.16 -20.49
CA GLU B 151 28.99 -3.28 -21.31
C GLU B 151 27.50 -3.51 -21.02
N PRO B 152 26.69 -3.85 -22.03
CA PRO B 152 25.26 -4.04 -21.78
C PRO B 152 24.96 -5.13 -20.75
N ARG B 153 24.04 -4.86 -19.85
CA ARG B 153 23.63 -5.81 -18.83
C ARG B 153 22.12 -5.83 -18.86
N LEU B 154 21.54 -6.78 -19.60
CA LEU B 154 20.10 -6.83 -19.81
C LEU B 154 19.38 -7.84 -18.94
N ALA B 155 18.29 -7.42 -18.30
CA ALA B 155 17.46 -8.36 -17.52
C ALA B 155 16.68 -9.26 -18.50
N PHE B 156 16.22 -8.69 -19.62
CA PHE B 156 15.51 -9.39 -20.70
C PHE B 156 16.37 -9.33 -21.95
N PRO B 157 17.34 -10.23 -22.09
CA PRO B 157 18.25 -10.14 -23.23
C PRO B 157 17.75 -10.75 -24.55
N GLU B 158 16.64 -11.49 -24.55
CA GLU B 158 16.11 -12.07 -25.80
C GLU B 158 15.90 -11.03 -26.94
N GLU B 159 16.50 -11.27 -28.12
CA GLU B 159 16.39 -10.38 -29.28
C GLU B 159 14.96 -10.49 -29.83
N ASN B 160 14.23 -9.34 -29.82
CA ASN B 160 12.81 -9.22 -30.17
C ASN B 160 11.99 -10.00 -29.13
N ASN B 161 11.86 -9.43 -27.91
CA ASN B 161 11.15 -10.08 -26.81
C ASN B 161 9.83 -9.35 -26.43
N ARG B 162 9.18 -9.76 -25.33
CA ARG B 162 7.89 -9.22 -24.87
C ARG B 162 7.94 -7.77 -24.36
N SER B 163 9.13 -7.30 -23.94
CA SER B 163 9.27 -5.95 -23.41
C SER B 163 9.33 -4.86 -24.47
N LEU B 164 9.69 -5.22 -25.73
CA LEU B 164 9.83 -4.27 -26.85
C LEU B 164 8.71 -4.37 -27.91
N LYS B 165 7.70 -5.25 -27.69
CA LYS B 165 6.58 -5.44 -28.61
C LYS B 165 5.62 -4.25 -28.64
N LYS B 166 5.20 -3.83 -29.85
CA LYS B 166 4.27 -2.73 -30.03
C LYS B 166 2.85 -3.11 -29.54
N ILE B 167 2.26 -2.31 -28.63
CA ILE B 167 0.93 -2.62 -28.11
C ILE B 167 -0.16 -1.89 -28.88
N PRO B 168 -1.12 -2.61 -29.46
CA PRO B 168 -2.20 -1.92 -30.19
C PRO B 168 -3.23 -1.25 -29.27
N LYS B 169 -4.04 -0.38 -29.83
CA LYS B 169 -5.10 0.30 -29.10
C LYS B 169 -6.33 -0.63 -29.06
N LEU B 170 -6.97 -0.75 -27.89
CA LEU B 170 -8.15 -1.59 -27.73
C LEU B 170 -9.32 -0.99 -28.51
N GLU B 171 -10.06 -1.84 -29.23
CA GLU B 171 -11.21 -1.39 -30.02
C GLU B 171 -12.52 -1.52 -29.24
N ASP B 172 -13.35 -0.49 -29.29
CA ASP B 172 -14.66 -0.53 -28.66
C ASP B 172 -15.60 -1.36 -29.54
N PRO B 173 -16.49 -2.20 -28.97
CA PRO B 173 -16.72 -2.38 -27.54
C PRO B 173 -15.73 -3.34 -26.84
N ALA B 174 -15.31 -2.97 -25.63
CA ALA B 174 -14.39 -3.80 -24.84
C ALA B 174 -15.16 -5.00 -24.29
N GLN B 175 -14.46 -6.12 -24.09
CA GLN B 175 -15.12 -7.31 -23.56
C GLN B 175 -15.49 -7.14 -22.08
N TYR B 176 -14.62 -6.45 -21.33
CA TYR B 176 -14.78 -6.18 -19.90
C TYR B 176 -14.49 -4.71 -19.61
N SER B 177 -15.03 -4.19 -18.50
CA SER B 177 -14.77 -2.81 -18.11
C SER B 177 -15.04 -2.51 -16.65
N MET B 178 -14.23 -1.64 -16.08
CA MET B 178 -14.42 -1.15 -14.74
C MET B 178 -14.46 0.37 -14.86
N ILE B 179 -15.64 0.98 -14.70
CA ILE B 179 -15.77 2.42 -14.89
C ILE B 179 -15.89 3.21 -13.56
N GLY B 180 -15.56 4.50 -13.63
CA GLY B 180 -15.61 5.42 -12.49
C GLY B 180 -14.45 5.34 -11.53
N LEU B 181 -13.28 4.85 -11.95
CA LEU B 181 -12.12 4.71 -11.06
C LEU B 181 -11.42 6.04 -10.75
N LYS B 182 -11.33 6.40 -9.48
CA LYS B 182 -10.67 7.65 -9.08
C LYS B 182 -9.53 7.37 -8.12
N PRO B 183 -8.47 8.19 -8.14
CA PRO B 183 -7.41 8.02 -7.14
C PRO B 183 -7.73 8.68 -5.78
N ARG B 184 -7.30 8.05 -4.69
CA ARG B 184 -7.44 8.65 -3.36
C ARG B 184 -6.04 9.20 -2.89
N ARG B 185 -5.91 9.83 -1.72
CA ARG B 185 -4.59 10.35 -1.30
C ARG B 185 -3.53 9.25 -1.15
N ALA B 186 -3.94 8.02 -0.79
CA ALA B 186 -3.00 6.90 -0.71
C ALA B 186 -2.40 6.55 -2.07
N ASP B 187 -3.05 6.93 -3.18
CA ASP B 187 -2.56 6.66 -4.52
C ASP B 187 -1.51 7.68 -4.99
N LEU B 188 -1.38 8.83 -4.33
CA LEU B 188 -0.40 9.84 -4.72
C LEU B 188 0.96 9.56 -4.08
N ASP B 189 2.03 10.04 -4.71
CA ASP B 189 3.38 9.94 -4.14
C ASP B 189 3.68 11.22 -3.28
N MET B 190 4.94 11.38 -2.81
CA MET B 190 5.37 12.54 -2.03
C MET B 190 5.23 13.87 -2.79
N ASN B 191 5.28 13.83 -4.15
CA ASN B 191 5.17 15.01 -5.01
C ASN B 191 3.75 15.32 -5.49
N GLN B 192 2.74 14.61 -4.96
CA GLN B 192 1.32 14.77 -5.23
C GLN B 192 0.87 14.23 -6.59
N HIS B 193 1.73 13.50 -7.31
CA HIS B 193 1.35 12.89 -8.59
C HIS B 193 0.88 11.47 -8.32
N VAL B 194 -0.01 10.91 -9.17
CA VAL B 194 -0.48 9.54 -8.99
C VAL B 194 0.68 8.53 -9.16
N ASN B 195 0.87 7.63 -8.19
CA ASN B 195 1.91 6.62 -8.22
C ASN B 195 1.77 5.70 -9.44
N ASN B 196 2.86 5.44 -10.16
CA ASN B 196 2.84 4.59 -11.35
C ASN B 196 2.26 3.19 -11.12
N VAL B 197 2.28 2.72 -9.85
CA VAL B 197 1.75 1.42 -9.46
C VAL B 197 0.22 1.41 -9.51
N THR B 198 -0.43 2.57 -9.27
CA THR B 198 -1.90 2.69 -9.28
C THR B 198 -2.47 2.31 -10.64
N TYR B 199 -1.75 2.65 -11.72
CA TYR B 199 -2.14 2.30 -13.09
C TYR B 199 -2.16 0.80 -13.27
N ILE B 200 -1.21 0.06 -12.65
CA ILE B 200 -1.21 -1.41 -12.73
C ILE B 200 -2.50 -1.96 -12.11
N GLY B 201 -2.85 -1.43 -10.94
CA GLY B 201 -4.05 -1.78 -10.20
C GLY B 201 -5.31 -1.52 -10.98
N TRP B 202 -5.41 -0.31 -11.57
CA TRP B 202 -6.55 0.09 -12.37
C TRP B 202 -6.68 -0.77 -13.61
N VAL B 203 -5.55 -1.13 -14.27
CA VAL B 203 -5.60 -2.00 -15.45
C VAL B 203 -6.22 -3.36 -15.05
N LEU B 204 -5.71 -3.97 -13.97
CA LEU B 204 -6.19 -5.26 -13.49
C LEU B 204 -7.63 -5.27 -12.95
N GLU B 205 -8.24 -4.09 -12.69
CA GLU B 205 -9.60 -4.01 -12.17
C GLU B 205 -10.66 -4.53 -13.15
N SER B 206 -10.36 -4.46 -14.47
CA SER B 206 -11.26 -4.98 -15.49
C SER B 206 -10.99 -6.45 -15.85
N ILE B 207 -9.98 -7.09 -15.25
CA ILE B 207 -9.76 -8.53 -15.46
C ILE B 207 -10.84 -9.21 -14.63
N PRO B 208 -11.63 -10.10 -15.25
CA PRO B 208 -12.71 -10.76 -14.50
C PRO B 208 -12.20 -11.57 -13.30
N GLN B 209 -12.96 -11.58 -12.19
CA GLN B 209 -12.59 -12.28 -10.98
C GLN B 209 -12.28 -13.78 -11.17
N GLU B 210 -12.97 -14.43 -12.11
CA GLU B 210 -12.75 -15.85 -12.40
C GLU B 210 -11.32 -16.12 -12.89
N ILE B 211 -10.76 -15.21 -13.68
CA ILE B 211 -9.38 -15.35 -14.15
C ILE B 211 -8.42 -15.20 -12.97
N VAL B 212 -8.67 -14.23 -12.09
CA VAL B 212 -7.84 -13.99 -10.92
C VAL B 212 -7.83 -15.18 -9.93
N ASP B 213 -8.97 -15.87 -9.79
CA ASP B 213 -9.14 -17.02 -8.89
C ASP B 213 -8.49 -18.31 -9.41
N THR B 214 -8.41 -18.48 -10.74
CA THR B 214 -7.89 -19.71 -11.35
C THR B 214 -6.52 -19.59 -12.02
N HIS B 215 -6.12 -18.38 -12.39
CA HIS B 215 -4.85 -18.15 -13.06
C HIS B 215 -3.90 -17.28 -12.21
N GLU B 216 -2.61 -17.27 -12.57
CA GLU B 216 -1.61 -16.42 -11.94
C GLU B 216 -1.03 -15.49 -13.00
N LEU B 217 -0.83 -14.23 -12.66
CA LEU B 217 -0.27 -13.25 -13.59
C LEU B 217 1.18 -13.58 -13.83
N GLN B 218 1.55 -13.85 -15.09
CA GLN B 218 2.91 -14.19 -15.45
C GLN B 218 3.63 -12.97 -16.07
N VAL B 219 3.03 -12.31 -17.05
CA VAL B 219 3.65 -11.15 -17.70
C VAL B 219 2.69 -9.98 -17.73
N ILE B 220 3.20 -8.77 -17.49
CA ILE B 220 2.45 -7.53 -17.61
C ILE B 220 3.34 -6.51 -18.30
N THR B 221 2.85 -5.93 -19.38
CA THR B 221 3.57 -4.90 -20.10
C THR B 221 2.67 -3.69 -20.09
N LEU B 222 3.20 -2.56 -19.65
CA LEU B 222 2.40 -1.34 -19.58
C LEU B 222 3.08 -0.17 -20.27
N ASP B 223 2.34 0.56 -21.12
CA ASP B 223 2.77 1.74 -21.85
C ASP B 223 2.13 2.96 -21.22
N TYR B 224 2.92 3.94 -20.80
CA TYR B 224 2.46 5.14 -20.13
C TYR B 224 2.33 6.32 -21.10
N ARG B 225 1.11 6.72 -21.45
CA ARG B 225 0.89 7.78 -22.42
C ARG B 225 0.62 9.14 -21.81
N ARG B 226 -0.08 9.18 -20.67
CA ARG B 226 -0.47 10.44 -20.02
C ARG B 226 -0.73 10.23 -18.53
N GLU B 227 -0.45 11.25 -17.71
N GLU B 227 -0.44 11.25 -17.71
N GLU B 227 -0.45 11.25 -17.71
CA GLU B 227 -0.67 11.16 -16.28
CA GLU B 227 -0.67 11.13 -16.28
CA GLU B 227 -0.67 11.16 -16.28
C GLU B 227 -2.12 11.44 -15.92
C GLU B 227 -2.11 11.45 -15.90
C GLU B 227 -2.12 11.44 -15.92
N CYS B 228 -2.68 10.66 -15.00
CA CYS B 228 -4.05 10.86 -14.52
C CYS B 228 -3.91 11.87 -13.38
N GLN B 229 -4.61 12.99 -13.47
CA GLN B 229 -4.56 13.99 -12.42
C GLN B 229 -5.40 13.55 -11.20
N GLN B 230 -5.15 14.17 -10.05
CA GLN B 230 -5.85 13.91 -8.79
C GLN B 230 -7.39 13.99 -8.94
N ASP B 231 -7.88 14.95 -9.75
CA ASP B 231 -9.31 15.16 -9.97
C ASP B 231 -9.83 14.53 -11.28
N ASP B 232 -9.16 13.49 -11.78
CA ASP B 232 -9.58 12.79 -12.99
C ASP B 232 -10.26 11.46 -12.63
N VAL B 233 -11.11 10.97 -13.53
CA VAL B 233 -11.80 9.69 -13.39
C VAL B 233 -11.38 8.83 -14.60
N VAL B 234 -11.01 7.57 -14.35
CA VAL B 234 -10.52 6.60 -15.32
C VAL B 234 -11.49 5.44 -15.56
N ASP B 235 -11.50 4.91 -16.79
CA ASP B 235 -12.25 3.73 -17.18
C ASP B 235 -11.22 2.68 -17.60
N SER B 236 -11.31 1.48 -17.02
CA SER B 236 -10.38 0.38 -17.32
C SER B 236 -11.07 -0.61 -18.25
N LEU B 237 -10.53 -0.84 -19.45
CA LEU B 237 -11.15 -1.71 -20.46
C LEU B 237 -10.27 -2.94 -20.76
N THR B 238 -10.87 -4.12 -21.01
CA THR B 238 -10.09 -5.33 -21.28
C THR B 238 -10.78 -6.20 -22.33
N THR B 239 -9.99 -6.83 -23.23
CA THR B 239 -10.49 -7.75 -24.23
C THR B 239 -9.53 -8.96 -24.30
N THR B 240 -10.07 -10.19 -24.34
CA THR B 240 -9.22 -11.37 -24.43
C THR B 240 -8.69 -11.51 -25.88
N THR B 241 -7.36 -11.58 -26.04
CA THR B 241 -6.78 -11.77 -27.37
C THR B 241 -6.33 -13.23 -27.61
N SER B 242 -6.56 -14.15 -26.66
CA SER B 242 -6.18 -15.53 -26.82
C SER B 242 -7.42 -16.40 -27.17
N ASP B 260 -3.04 -20.93 -21.50
CA ASP B 260 -2.67 -19.57 -21.11
C ASP B 260 -3.70 -18.55 -21.57
N SER B 261 -3.88 -17.47 -20.81
CA SER B 261 -4.83 -16.42 -21.18
C SER B 261 -4.11 -15.10 -21.45
N GLN B 262 -4.48 -14.42 -22.53
CA GLN B 262 -3.87 -13.16 -22.92
C GLN B 262 -4.94 -12.09 -22.99
N PHE B 263 -4.58 -10.89 -22.56
CA PHE B 263 -5.51 -9.78 -22.54
C PHE B 263 -4.88 -8.53 -23.09
N LEU B 264 -5.69 -7.68 -23.72
CA LEU B 264 -5.30 -6.37 -24.20
C LEU B 264 -6.04 -5.35 -23.31
N HIS B 265 -5.34 -4.34 -22.81
CA HIS B 265 -5.91 -3.38 -21.88
C HIS B 265 -5.89 -1.93 -22.36
N LEU B 266 -6.75 -1.09 -21.78
CA LEU B 266 -6.78 0.33 -22.11
C LEU B 266 -7.36 1.14 -20.94
N LEU B 267 -6.57 2.10 -20.42
CA LEU B 267 -7.06 3.03 -19.40
C LEU B 267 -7.31 4.34 -20.16
N ARG B 268 -8.47 4.96 -19.93
CA ARG B 268 -8.80 6.21 -20.59
C ARG B 268 -9.65 7.09 -19.69
N LEU B 269 -9.65 8.41 -19.90
CA LEU B 269 -10.44 9.32 -19.09
C LEU B 269 -11.92 9.05 -19.32
N SER B 270 -12.68 9.02 -18.22
CA SER B 270 -14.12 8.75 -18.19
C SER B 270 -14.92 9.65 -19.09
N GLY B 271 -14.53 10.91 -19.15
CA GLY B 271 -15.25 11.88 -19.97
C GLY B 271 -14.98 11.78 -21.45
N ASP B 272 -13.98 12.54 -21.92
CA ASP B 272 -13.64 12.64 -23.33
C ASP B 272 -13.05 11.37 -23.94
N GLY B 273 -12.62 10.41 -23.13
CA GLY B 273 -12.02 9.20 -23.64
C GLY B 273 -10.57 9.37 -24.05
N GLN B 274 -9.86 10.32 -23.39
CA GLN B 274 -8.44 10.55 -23.65
C GLN B 274 -7.62 9.39 -23.11
N GLU B 275 -6.76 8.79 -23.94
CA GLU B 275 -5.94 7.67 -23.55
C GLU B 275 -4.87 8.07 -22.54
N ILE B 276 -4.68 7.23 -21.52
CA ILE B 276 -3.63 7.47 -20.54
C ILE B 276 -2.68 6.26 -20.48
N ASN B 277 -3.17 5.03 -20.72
CA ASN B 277 -2.36 3.82 -20.70
C ASN B 277 -2.89 2.74 -21.64
N ARG B 278 -1.99 1.88 -22.09
CA ARG B 278 -2.33 0.69 -22.86
C ARG B 278 -1.37 -0.43 -22.43
N GLY B 279 -1.84 -1.66 -22.43
CA GLY B 279 -0.98 -2.76 -21.99
C GLY B 279 -1.48 -4.14 -22.32
N THR B 280 -0.71 -5.14 -21.93
CA THR B 280 -1.07 -6.55 -22.16
C THR B 280 -0.70 -7.33 -20.94
N THR B 281 -1.49 -8.37 -20.68
CA THR B 281 -1.18 -9.30 -19.60
C THR B 281 -1.22 -10.72 -20.15
N LEU B 282 -0.45 -11.62 -19.53
CA LEU B 282 -0.42 -13.03 -19.87
C LEU B 282 -0.55 -13.79 -18.55
N TRP B 283 -1.51 -14.71 -18.48
CA TRP B 283 -1.77 -15.46 -17.26
C TRP B 283 -1.62 -16.97 -17.50
N ARG B 284 -1.23 -17.74 -16.46
CA ARG B 284 -1.07 -19.21 -16.57
C ARG B 284 -2.03 -19.91 -15.58
N LYS B 285 -2.53 -21.11 -15.91
CA LYS B 285 -3.39 -21.86 -15.00
C LYS B 285 -2.60 -22.28 -13.76
N LYS B 286 -3.20 -22.19 -12.56
CA LYS B 286 -2.54 -22.56 -11.31
C LYS B 286 -2.29 -24.06 -11.22
N1 LQP C . -4.46 -12.58 19.89
C4 LQP C . -3.32 -13.20 19.21
C5 LQP C . -2.32 -13.41 20.35
C6 LQP C . -1.40 -12.19 20.60
C7 LQP C . -1.14 -12.30 22.07
C8 LQP C . -2.52 -12.52 22.63
C10 LQP C . -4.59 -13.16 21.24
F1 LQP C . -6.95 -8.33 20.31
C1 LQP C . -6.96 -8.96 19.16
F2 LQP C . -5.78 -8.71 18.63
O1 LQP C . -7.24 -10.28 19.30
C2 LQP C . -6.34 -11.01 20.12
C3 LQP C . -5.26 -11.69 19.31
O2 LQP C . -5.15 -11.45 18.10
C9 LQP C . -3.16 -13.53 21.64
N1 LQP D . 18.68 7.31 -12.43
C4 LQP D . 18.86 7.22 -10.98
C5 LQP D . 20.36 7.46 -10.77
C6 LQP D . 21.00 6.46 -9.80
C7 LQP D . 21.19 5.25 -10.66
C8 LQP D . 21.84 5.84 -11.88
C10 LQP D . 19.93 7.02 -13.15
F1 LQP D . 16.02 5.24 -12.99
C1 LQP D . 16.05 5.35 -14.31
F2 LQP D . 17.13 4.66 -14.67
O1 LQP D . 16.05 6.64 -14.72
C2 LQP D . 17.25 7.36 -14.45
C3 LQP D . 17.47 7.56 -12.97
O2 LQP D . 16.55 7.97 -12.25
C9 LQP D . 21.05 7.15 -12.13
#